data_6EW7
#
_entry.id   6EW7
#
_cell.length_a   30.780
_cell.length_b   39.290
_cell.length_c   55.430
_cell.angle_alpha   83.98
_cell.angle_beta   73.95
_cell.angle_gamma   67.11
#
_symmetry.space_group_name_H-M   'P 1'
#
loop_
_entity.id
_entity.type
_entity.pdbx_description
1 polymer 'B-cell lymphoma 6 protein'
2 non-polymer 'CHLORIDE ION'
3 non-polymer '2-chloranyl-4-[[5-chloranyl-4-[(4-fluorophenyl)amino]pyrimidin-2-yl]amino]benzoic acid'
4 water water
#
_entity_poly.entity_id   1
_entity_poly.type   'polypeptide(L)'
_entity_poly.pdbx_seq_one_letter_code
;SQIQFTRHASDVLLNLNRLRSRDILTDVVIVVSREQFRAHKTVLMACSGLFYSIFTDQLKRNLSVINLDPEINPEGFNIL
LDFMYTSRLNLREGNIMAVMATAMYLQMEHVVDTCRKFIKAS
;
_entity_poly.pdbx_strand_id   A,B
#
loop_
_chem_comp.id
_chem_comp.type
_chem_comp.name
_chem_comp.formula
C1W non-polymer '2-chloranyl-4-[[5-chloranyl-4-[(4-fluorophenyl)amino]pyrimidin-2-yl]amino]benzoic acid' 'C17 H11 Cl2 F N4 O2'
CL non-polymer 'CHLORIDE ION' 'Cl -1'
#
# COMPACT_ATOMS: atom_id res chain seq x y z
N SER A 1 -21.83 10.05 7.59
CA SER A 1 -20.78 9.20 7.02
C SER A 1 -19.65 8.91 8.03
N GLN A 2 -18.75 8.00 7.65
CA GLN A 2 -17.60 7.54 8.42
C GLN A 2 -16.57 8.63 8.77
N ILE A 3 -15.78 8.41 9.84
CA ILE A 3 -14.75 9.37 10.26
C ILE A 3 -13.55 9.30 9.29
N GLN A 4 -13.09 10.47 8.78
CA GLN A 4 -11.97 10.56 7.85
C GLN A 4 -10.64 10.84 8.57
N PHE A 5 -9.64 10.00 8.33
CA PHE A 5 -8.28 10.16 8.85
C PHE A 5 -7.46 10.68 7.66
N THR A 6 -7.26 12.01 7.59
CA THR A 6 -6.59 12.58 6.42
C THR A 6 -5.10 12.20 6.24
N ARG A 7 -4.44 11.65 7.27
CA ARG A 7 -3.02 11.30 7.18
C ARG A 7 -2.80 9.80 7.01
N HIS A 8 -3.88 9.01 7.15
CA HIS A 8 -3.74 7.56 7.09
C HIS A 8 -3.13 7.03 5.77
N ALA A 9 -3.61 7.50 4.63
CA ALA A 9 -3.06 7.04 3.34
C ALA A 9 -1.56 7.31 3.23
N SER A 10 -1.13 8.53 3.62
CA SER A 10 0.30 8.91 3.55
CA SER A 10 0.29 8.89 3.56
C SER A 10 1.12 8.05 4.51
N ASP A 11 0.56 7.77 5.71
CA ASP A 11 1.22 6.94 6.74
C ASP A 11 1.43 5.50 6.23
N VAL A 12 0.43 4.94 5.51
CA VAL A 12 0.51 3.58 4.94
C VAL A 12 1.62 3.57 3.86
N LEU A 13 1.61 4.54 2.93
CA LEU A 13 2.62 4.58 1.89
C LEU A 13 4.03 4.70 2.51
N LEU A 14 4.22 5.57 3.52
CA LEU A 14 5.54 5.68 4.16
C LEU A 14 5.99 4.34 4.72
N ASN A 15 5.07 3.61 5.38
CA ASN A 15 5.40 2.31 5.98
C ASN A 15 5.70 1.25 4.92
N LEU A 16 5.00 1.31 3.77
CA LEU A 16 5.31 0.38 2.66
C LEU A 16 6.73 0.68 2.10
N ASN A 17 7.12 1.98 2.06
CA ASN A 17 8.45 2.34 1.58
C ASN A 17 9.48 1.88 2.58
N ARG A 18 9.17 1.94 3.90
CA ARG A 18 10.12 1.45 4.91
C ARG A 18 10.28 -0.06 4.76
N LEU A 19 9.19 -0.79 4.48
CA LEU A 19 9.29 -2.23 4.27
C LEU A 19 10.17 -2.52 3.05
N ARG A 20 9.99 -1.75 1.96
CA ARG A 20 10.82 -1.90 0.74
C ARG A 20 12.31 -1.71 1.08
N SER A 21 12.61 -0.64 1.85
CA SER A 21 13.99 -0.34 2.23
CA SER A 21 13.99 -0.32 2.27
C SER A 21 14.63 -1.45 3.10
N ARG A 22 13.80 -2.27 3.76
CA ARG A 22 14.26 -3.40 4.59
C ARG A 22 14.11 -4.73 3.87
N ASP A 23 13.67 -4.68 2.59
CA ASP A 23 13.44 -5.85 1.72
C ASP A 23 12.47 -6.84 2.37
N ILE A 24 11.47 -6.29 3.10
CA ILE A 24 10.48 -7.11 3.76
C ILE A 24 9.29 -7.31 2.85
N LEU A 25 9.02 -8.59 2.53
CA LEU A 25 7.90 -9.10 1.72
C LEU A 25 7.85 -8.57 0.28
N THR A 26 9.01 -8.13 -0.23
CA THR A 26 9.14 -7.74 -1.63
C THR A 26 9.01 -9.07 -2.37
N ASP A 27 8.32 -9.05 -3.49
CA ASP A 27 8.05 -10.31 -4.17
C ASP A 27 8.38 -10.29 -5.63
N VAL A 28 9.10 -9.25 -6.09
CA VAL A 28 9.50 -9.16 -7.48
C VAL A 28 10.80 -8.37 -7.58
N VAL A 29 11.58 -8.70 -8.60
CA VAL A 29 12.77 -7.93 -8.94
C VAL A 29 12.55 -7.39 -10.38
N ILE A 30 12.68 -6.08 -10.54
CA ILE A 30 12.53 -5.40 -11.82
C ILE A 30 13.92 -5.18 -12.39
N VAL A 31 14.22 -5.85 -13.52
CA VAL A 31 15.54 -5.80 -14.17
C VAL A 31 15.51 -4.71 -15.23
N VAL A 32 16.38 -3.69 -15.07
CA VAL A 32 16.47 -2.55 -15.97
C VAL A 32 17.91 -2.42 -16.45
N SER A 33 18.22 -3.14 -17.54
CA SER A 33 19.56 -3.22 -18.10
C SER A 33 20.55 -3.79 -17.07
N ARG A 34 21.61 -3.07 -16.69
CA ARG A 34 22.58 -3.65 -15.75
C ARG A 34 22.14 -3.54 -14.28
N GLU A 35 21.01 -2.87 -14.04
CA GLU A 35 20.54 -2.62 -12.68
C GLU A 35 19.27 -3.43 -12.34
N GLN A 36 19.04 -3.66 -11.05
CA GLN A 36 17.87 -4.42 -10.59
C GLN A 36 17.26 -3.72 -9.39
N PHE A 37 15.92 -3.73 -9.27
CA PHE A 37 15.22 -3.08 -8.17
C PHE A 37 14.12 -4.00 -7.60
N ARG A 38 14.14 -4.24 -6.29
CA ARG A 38 13.13 -5.09 -5.61
C ARG A 38 11.91 -4.22 -5.26
N ALA A 39 10.73 -4.84 -5.26
CA ALA A 39 9.50 -4.10 -4.98
C ALA A 39 8.37 -5.04 -4.61
N HIS A 40 7.24 -4.46 -4.18
CA HIS A 40 6.01 -5.14 -3.87
C HIS A 40 5.13 -5.04 -5.13
N LYS A 41 4.72 -6.17 -5.65
CA LYS A 41 3.88 -6.22 -6.87
C LYS A 41 2.61 -5.37 -6.68
N THR A 42 1.98 -5.44 -5.47
CA THR A 42 0.74 -4.68 -5.18
C THR A 42 0.97 -3.20 -5.41
N VAL A 43 2.08 -2.66 -4.90
CA VAL A 43 2.40 -1.24 -5.09
C VAL A 43 2.65 -0.92 -6.57
N LEU A 44 3.38 -1.76 -7.27
CA LEU A 44 3.62 -1.56 -8.70
C LEU A 44 2.27 -1.51 -9.47
N MET A 45 1.37 -2.46 -9.17
CA MET A 45 0.05 -2.55 -9.80
C MET A 45 -0.76 -1.31 -9.47
N ALA A 46 -0.70 -0.85 -8.20
CA ALA A 46 -1.45 0.33 -7.76
C ALA A 46 -1.02 1.63 -8.46
N CYS A 47 0.18 1.66 -9.05
CA CYS A 47 0.76 2.88 -9.64
C CYS A 47 0.94 2.90 -11.12
N SER A 48 0.99 1.72 -11.75
CA SER A 48 1.36 1.55 -13.15
C SER A 48 0.39 0.68 -13.97
N GLY A 49 -0.04 1.22 -15.12
CA GLY A 49 -0.90 0.48 -16.05
C GLY A 49 -0.18 -0.73 -16.61
N LEU A 50 1.15 -0.62 -16.81
CA LEU A 50 1.99 -1.72 -17.28
C LEU A 50 1.98 -2.87 -16.30
N PHE A 51 2.34 -2.60 -15.03
CA PHE A 51 2.38 -3.63 -14.02
C PHE A 51 1.01 -4.16 -13.67
N TYR A 52 -0.03 -3.29 -13.69
CA TYR A 52 -1.41 -3.74 -13.45
C TYR A 52 -1.79 -4.75 -14.54
N SER A 53 -1.49 -4.44 -15.85
CA SER A 53 -1.82 -5.32 -16.97
C SER A 53 -1.08 -6.63 -16.96
N ILE A 54 0.15 -6.63 -16.40
CA ILE A 54 0.93 -7.87 -16.32
C ILE A 54 0.36 -8.76 -15.23
N PHE A 55 0.35 -8.28 -13.96
CA PHE A 55 -0.04 -9.10 -12.81
C PHE A 55 -1.55 -9.38 -12.62
N THR A 56 -2.48 -8.67 -13.32
CA THR A 56 -3.91 -9.05 -13.20
C THR A 56 -4.18 -10.31 -14.00
N ASP A 57 -3.27 -10.66 -14.94
CA ASP A 57 -3.37 -11.86 -15.76
C ASP A 57 -2.90 -13.06 -14.91
N GLN A 58 -3.77 -14.09 -14.73
CA GLN A 58 -3.44 -15.29 -13.95
C GLN A 58 -2.17 -15.97 -14.49
N LEU A 59 -1.98 -15.90 -15.79
CA LEU A 59 -0.80 -16.42 -16.50
C LEU A 59 0.51 -15.80 -15.97
N LYS A 60 0.46 -14.51 -15.59
CA LYS A 60 1.64 -13.77 -15.19
C LYS A 60 1.75 -13.39 -13.69
N ARG A 61 0.64 -13.56 -12.94
CA ARG A 61 0.48 -13.25 -11.53
C ARG A 61 1.72 -13.64 -10.67
N ASN A 62 2.27 -14.85 -10.86
CA ASN A 62 3.35 -15.40 -10.04
C ASN A 62 4.79 -15.13 -10.52
N LEU A 63 4.97 -14.25 -11.51
CA LEU A 63 6.33 -13.93 -12.00
C LEU A 63 7.11 -13.24 -10.88
N SER A 64 8.35 -13.70 -10.67
CA SER A 64 9.23 -13.15 -9.62
C SER A 64 10.28 -12.17 -10.20
N VAL A 65 10.40 -12.13 -11.54
CA VAL A 65 11.35 -11.29 -12.29
C VAL A 65 10.64 -10.69 -13.51
N ILE A 66 10.71 -9.35 -13.67
CA ILE A 66 10.20 -8.63 -14.82
C ILE A 66 11.38 -7.92 -15.45
N ASN A 67 11.66 -8.24 -16.72
CA ASN A 67 12.74 -7.61 -17.49
C ASN A 67 12.11 -6.49 -18.30
N LEU A 68 12.48 -5.22 -18.01
CA LEU A 68 11.90 -4.13 -18.76
C LEU A 68 12.55 -3.98 -20.13
N ASP A 69 11.90 -3.25 -21.01
CA ASP A 69 12.39 -2.89 -22.35
C ASP A 69 13.85 -2.41 -22.26
N PRO A 70 14.79 -2.96 -23.09
CA PRO A 70 16.22 -2.55 -23.01
C PRO A 70 16.51 -1.05 -23.11
N GLU A 71 15.63 -0.31 -23.76
CA GLU A 71 15.77 1.14 -23.94
C GLU A 71 15.52 1.95 -22.65
N ILE A 72 14.72 1.39 -21.71
CA ILE A 72 14.41 2.05 -20.42
C ILE A 72 15.69 2.37 -19.64
N ASN A 73 15.84 3.64 -19.26
CA ASN A 73 16.98 4.12 -18.48
C ASN A 73 16.76 3.72 -17.01
N PRO A 74 17.71 2.97 -16.39
CA PRO A 74 17.53 2.55 -14.99
C PRO A 74 17.31 3.71 -14.02
N GLU A 75 17.92 4.87 -14.30
CA GLU A 75 17.76 6.06 -13.47
C GLU A 75 16.36 6.65 -13.54
N GLY A 76 15.81 6.76 -14.75
CA GLY A 76 14.44 7.21 -14.93
C GLY A 76 13.49 6.24 -14.23
N PHE A 77 13.80 4.90 -14.31
CA PHE A 77 12.95 3.93 -13.64
C PHE A 77 12.98 4.16 -12.13
N ASN A 78 14.21 4.29 -11.55
CA ASN A 78 14.37 4.48 -10.10
C ASN A 78 13.65 5.73 -9.57
N ILE A 79 13.63 6.81 -10.37
CA ILE A 79 12.93 8.04 -10.00
C ILE A 79 11.41 7.76 -9.90
N LEU A 80 10.91 6.94 -10.81
CA LEU A 80 9.50 6.59 -10.87
C LEU A 80 9.11 5.59 -9.80
N LEU A 81 10.02 4.64 -9.47
CA LEU A 81 9.80 3.69 -8.38
C LEU A 81 9.75 4.45 -7.05
N ASP A 82 10.68 5.40 -6.86
CA ASP A 82 10.65 6.26 -5.67
C ASP A 82 9.34 7.05 -5.62
N PHE A 83 8.88 7.57 -6.80
CA PHE A 83 7.61 8.29 -6.83
C PHE A 83 6.46 7.38 -6.37
N MET A 84 6.40 6.14 -6.89
CA MET A 84 5.33 5.24 -6.49
C MET A 84 5.18 5.12 -4.95
N TYR A 85 6.31 5.03 -4.25
CA TYR A 85 6.40 4.82 -2.83
C TYR A 85 6.44 6.08 -1.95
N THR A 86 6.51 7.31 -2.56
CA THR A 86 6.65 8.55 -1.76
C THR A 86 5.71 9.68 -2.14
N SER A 87 5.08 9.63 -3.35
CA SER A 87 4.22 10.73 -3.86
C SER A 87 5.05 11.95 -4.28
N ARG A 88 6.39 11.82 -4.34
CA ARG A 88 7.31 12.91 -4.68
C ARG A 88 8.07 12.56 -5.97
N LEU A 89 8.05 13.45 -6.95
CA LEU A 89 8.69 13.22 -8.24
C LEU A 89 9.93 14.08 -8.37
N ASN A 90 11.06 13.45 -8.63
CA ASN A 90 12.33 14.15 -8.81
C ASN A 90 12.53 14.56 -10.27
N LEU A 91 11.86 15.64 -10.69
CA LEU A 91 11.96 16.19 -12.06
C LEU A 91 12.91 17.38 -12.11
N ARG A 92 13.74 17.41 -13.16
CA ARG A 92 14.69 18.48 -13.46
C ARG A 92 14.74 18.65 -14.99
N GLU A 93 15.54 19.61 -15.49
CA GLU A 93 15.72 19.78 -16.93
C GLU A 93 16.60 18.63 -17.45
N GLY A 94 17.55 18.20 -16.62
CA GLY A 94 18.49 17.13 -16.93
C GLY A 94 17.95 15.71 -16.96
N ASN A 95 16.65 15.50 -16.57
CA ASN A 95 16.07 14.15 -16.58
C ASN A 95 14.60 14.09 -17.07
N ILE A 96 13.97 15.23 -17.37
CA ILE A 96 12.57 15.32 -17.85
C ILE A 96 12.26 14.33 -19.02
N MET A 97 13.18 14.25 -20.01
CA MET A 97 13.01 13.37 -21.18
C MET A 97 13.00 11.89 -20.82
N ALA A 98 13.99 11.43 -20.02
CA ALA A 98 14.08 10.04 -19.58
C ALA A 98 12.92 9.70 -18.63
N VAL A 99 12.55 10.63 -17.71
CA VAL A 99 11.44 10.37 -16.78
C VAL A 99 10.09 10.30 -17.55
N MET A 100 9.92 11.13 -18.59
CA MET A 100 8.68 11.14 -19.37
C MET A 100 8.59 9.90 -20.23
N ALA A 101 9.71 9.53 -20.84
CA ALA A 101 9.81 8.32 -21.68
C ALA A 101 9.45 7.12 -20.85
N THR A 102 9.98 7.02 -19.61
CA THR A 102 9.75 5.90 -18.67
C THR A 102 8.28 5.87 -18.19
N ALA A 103 7.70 7.03 -17.81
CA ALA A 103 6.29 7.11 -17.36
C ALA A 103 5.31 6.75 -18.49
N MET A 104 5.68 7.01 -19.75
CA MET A 104 4.80 6.65 -20.87
C MET A 104 4.78 5.13 -20.98
N TYR A 105 5.97 4.52 -20.91
CA TYR A 105 6.14 3.06 -20.96
C TYR A 105 5.42 2.39 -19.80
N LEU A 106 5.60 2.90 -18.56
CA LEU A 106 4.98 2.34 -17.35
C LEU A 106 3.51 2.65 -17.24
N GLN A 107 2.98 3.48 -18.16
CA GLN A 107 1.58 3.88 -18.19
C GLN A 107 1.20 4.55 -16.87
N MET A 108 1.86 5.68 -16.54
CA MET A 108 1.62 6.44 -15.31
C MET A 108 1.14 7.80 -15.79
N GLU A 109 -0.15 7.88 -16.16
CA GLU A 109 -0.76 9.07 -16.78
C GLU A 109 -0.55 10.39 -16.01
N HIS A 110 -0.67 10.40 -14.65
CA HIS A 110 -0.49 11.65 -13.88
C HIS A 110 0.94 12.17 -13.96
N VAL A 111 1.92 11.26 -14.02
CA VAL A 111 3.32 11.64 -14.15
C VAL A 111 3.55 12.17 -15.58
N VAL A 112 2.92 11.53 -16.61
CA VAL A 112 2.99 11.91 -18.02
C VAL A 112 2.43 13.34 -18.16
N ASP A 113 1.25 13.62 -17.56
CA ASP A 113 0.59 14.93 -17.55
C ASP A 113 1.48 16.02 -16.88
N THR A 114 2.16 15.68 -15.77
CA THR A 114 3.06 16.57 -15.04
C THR A 114 4.30 16.86 -15.86
N CYS A 115 4.77 15.86 -16.61
CA CYS A 115 5.92 15.99 -17.48
C CYS A 115 5.57 16.96 -18.63
N ARG A 116 4.32 16.88 -19.15
CA ARG A 116 3.72 17.75 -20.19
C ARG A 116 3.52 19.18 -19.67
N LYS A 117 3.29 19.34 -18.33
CA LYS A 117 3.09 20.66 -17.72
C LYS A 117 4.44 21.28 -17.37
N PHE A 118 5.48 20.44 -17.16
CA PHE A 118 6.84 20.87 -16.88
C PHE A 118 7.43 21.50 -18.15
N ILE A 119 7.24 20.83 -19.31
CA ILE A 119 7.70 21.31 -20.62
C ILE A 119 6.99 22.63 -20.99
N LYS A 120 5.66 22.70 -20.78
CA LYS A 120 4.81 23.87 -21.05
C LYS A 120 5.19 25.12 -20.22
N ALA A 121 5.81 24.91 -19.04
CA ALA A 121 6.26 25.96 -18.12
C ALA A 121 7.80 26.03 -18.08
N SER A 122 8.45 25.66 -19.22
CA SER A 122 9.89 25.60 -19.48
C SER A 122 10.64 24.62 -18.59
N SER B 1 13.31 19.10 -2.87
CA SER B 1 12.71 20.05 -3.81
C SER B 1 11.79 19.34 -4.82
N GLN B 2 11.45 18.09 -4.52
CA GLN B 2 10.62 17.22 -5.37
C GLN B 2 9.17 17.69 -5.53
N ILE B 3 8.56 17.38 -6.71
CA ILE B 3 7.16 17.75 -6.97
C ILE B 3 6.23 16.84 -6.14
N GLN B 4 5.32 17.44 -5.34
CA GLN B 4 4.38 16.70 -4.49
C GLN B 4 3.03 16.45 -5.18
N PHE B 5 2.63 15.17 -5.25
CA PHE B 5 1.36 14.75 -5.80
C PHE B 5 0.46 14.47 -4.59
N THR B 6 -0.38 15.44 -4.19
CA THR B 6 -1.18 15.28 -2.97
C THR B 6 -2.30 14.18 -3.01
N ARG B 7 -2.66 13.64 -4.19
CA ARG B 7 -3.69 12.61 -4.32
C ARG B 7 -3.08 11.21 -4.46
N HIS B 8 -1.76 11.12 -4.67
CA HIS B 8 -1.15 9.82 -4.94
C HIS B 8 -1.34 8.77 -3.82
N ALA B 9 -1.11 9.14 -2.55
CA ALA B 9 -1.25 8.16 -1.46
C ALA B 9 -2.67 7.60 -1.35
N SER B 10 -3.69 8.47 -1.42
CA SER B 10 -5.09 8.00 -1.39
C SER B 10 -5.41 7.11 -2.63
N ASP B 11 -4.88 7.48 -3.83
CA ASP B 11 -5.02 6.70 -5.07
C ASP B 11 -4.43 5.27 -4.92
N VAL B 12 -3.24 5.16 -4.31
CA VAL B 12 -2.57 3.85 -4.10
C VAL B 12 -3.46 3.04 -3.13
N LEU B 13 -3.89 3.64 -2.00
CA LEU B 13 -4.70 2.89 -1.04
C LEU B 13 -6.00 2.39 -1.68
N LEU B 14 -6.68 3.23 -2.46
CA LEU B 14 -7.90 2.82 -3.17
C LEU B 14 -7.62 1.61 -4.07
N ASN B 15 -6.49 1.65 -4.81
CA ASN B 15 -6.14 0.54 -5.71
C ASN B 15 -5.79 -0.72 -4.96
N LEU B 16 -5.13 -0.59 -3.80
CA LEU B 16 -4.85 -1.78 -2.98
C LEU B 16 -6.17 -2.40 -2.45
N ASN B 17 -7.18 -1.56 -2.11
CA ASN B 17 -8.48 -2.06 -1.64
C ASN B 17 -9.20 -2.75 -2.79
N ARG B 18 -9.03 -2.26 -4.04
CA ARG B 18 -9.65 -2.89 -5.20
C ARG B 18 -9.00 -4.26 -5.44
N LEU B 19 -7.66 -4.36 -5.23
CA LEU B 19 -6.98 -5.65 -5.39
C LEU B 19 -7.48 -6.61 -4.32
N ARG B 20 -7.70 -6.13 -3.08
CA ARG B 20 -8.25 -6.95 -1.99
C ARG B 20 -9.66 -7.47 -2.34
N SER B 21 -10.51 -6.58 -2.90
CA SER B 21 -11.88 -6.95 -3.27
CA SER B 21 -11.88 -6.94 -3.30
C SER B 21 -11.92 -8.03 -4.37
N ARG B 22 -10.86 -8.13 -5.18
CA ARG B 22 -10.69 -9.09 -6.27
C ARG B 22 -9.82 -10.32 -5.88
N ASP B 23 -9.36 -10.35 -4.60
CA ASP B 23 -8.50 -11.38 -4.03
C ASP B 23 -7.19 -11.50 -4.81
N ILE B 24 -6.68 -10.36 -5.31
CA ILE B 24 -5.45 -10.40 -6.08
C ILE B 24 -4.27 -10.15 -5.17
N LEU B 25 -3.35 -11.15 -5.11
CA LEU B 25 -2.08 -11.15 -4.39
C LEU B 25 -2.22 -11.03 -2.87
N THR B 26 -3.39 -11.37 -2.33
CA THR B 26 -3.62 -11.43 -0.89
C THR B 26 -2.83 -12.67 -0.45
N ASP B 27 -2.10 -12.52 0.62
CA ASP B 27 -1.21 -13.60 1.02
C ASP B 27 -1.43 -14.09 2.42
N VAL B 28 -2.56 -13.70 3.06
CA VAL B 28 -2.86 -14.14 4.41
C VAL B 28 -4.37 -14.16 4.61
N VAL B 29 -4.84 -15.09 5.47
CA VAL B 29 -6.21 -15.15 5.90
C VAL B 29 -6.18 -14.92 7.42
N ILE B 30 -7.00 -13.96 7.88
CA ILE B 30 -7.11 -13.61 9.29
CA ILE B 30 -7.10 -13.61 9.30
C ILE B 30 -8.38 -14.26 9.82
N VAL B 31 -8.21 -15.23 10.71
CA VAL B 31 -9.34 -15.98 11.26
C VAL B 31 -9.80 -15.32 12.55
N VAL B 32 -11.08 -14.93 12.60
CA VAL B 32 -11.67 -14.25 13.77
C VAL B 32 -12.91 -15.03 14.18
N SER B 33 -12.69 -16.03 15.04
CA SER B 33 -13.72 -16.96 15.48
C SER B 33 -14.37 -17.70 14.28
N ARG B 34 -15.66 -17.48 13.98
CA ARG B 34 -16.31 -18.21 12.89
C ARG B 34 -16.13 -17.55 11.53
N GLU B 35 -15.48 -16.38 11.51
CA GLU B 35 -15.29 -15.61 10.29
C GLU B 35 -13.82 -15.54 9.88
N GLN B 36 -13.59 -15.38 8.56
CA GLN B 36 -12.23 -15.31 8.00
C GLN B 36 -12.16 -14.17 7.02
N PHE B 37 -11.00 -13.46 6.97
CA PHE B 37 -10.79 -12.31 6.09
C PHE B 37 -9.44 -12.35 5.41
N ARG B 38 -9.43 -12.16 4.08
CA ARG B 38 -8.18 -12.17 3.32
C ARG B 38 -7.60 -10.78 3.25
N ALA B 39 -6.28 -10.68 3.18
CA ALA B 39 -5.64 -9.37 3.17
C ALA B 39 -4.22 -9.48 2.64
N HIS B 40 -3.57 -8.32 2.44
CA HIS B 40 -2.18 -8.20 2.05
C HIS B 40 -1.41 -7.96 3.36
N LYS B 41 -0.42 -8.81 3.64
CA LYS B 41 0.38 -8.67 4.86
C LYS B 41 1.02 -7.29 4.93
N THR B 42 1.51 -6.76 3.79
CA THR B 42 2.18 -5.43 3.78
C THR B 42 1.23 -4.35 4.31
N VAL B 43 -0.06 -4.40 3.91
CA VAL B 43 -1.02 -3.40 4.40
C VAL B 43 -1.27 -3.55 5.89
N LEU B 44 -1.44 -4.79 6.34
CA LEU B 44 -1.67 -5.11 7.74
C LEU B 44 -0.51 -4.58 8.59
N MET B 45 0.75 -4.83 8.14
CA MET B 45 1.97 -4.36 8.82
C MET B 45 2.00 -2.83 8.85
N ALA B 46 1.67 -2.18 7.72
CA ALA B 46 1.65 -0.71 7.59
C ALA B 46 0.68 -0.01 8.51
N CYS B 47 -0.31 -0.73 9.07
CA CYS B 47 -1.37 -0.14 9.91
C CYS B 47 -1.42 -0.57 11.35
N SER B 48 -0.88 -1.76 11.68
CA SER B 48 -1.07 -2.39 12.98
C SER B 48 0.25 -2.81 13.64
N GLY B 49 0.44 -2.38 14.87
CA GLY B 49 1.60 -2.77 15.67
C GLY B 49 1.68 -4.27 15.87
N LEU B 50 0.50 -4.93 16.00
CA LEU B 50 0.37 -6.38 16.17
C LEU B 50 0.92 -7.11 14.95
N PHE B 51 0.36 -6.80 13.78
CA PHE B 51 0.77 -7.42 12.51
C PHE B 51 2.19 -7.06 12.13
N TYR B 52 2.65 -5.84 12.45
CA TYR B 52 4.04 -5.45 12.22
C TYR B 52 4.96 -6.32 13.07
N SER B 53 4.63 -6.51 14.39
CA SER B 53 5.46 -7.32 15.30
C SER B 53 5.48 -8.79 14.92
N ILE B 54 4.41 -9.29 14.26
CA ILE B 54 4.37 -10.68 13.81
C ILE B 54 5.27 -10.84 12.57
N PHE B 55 4.92 -10.17 11.44
CA PHE B 55 5.59 -10.38 10.15
C PHE B 55 7.03 -9.79 10.01
N THR B 56 7.51 -8.91 10.92
CA THR B 56 8.92 -8.45 10.81
C THR B 56 9.85 -9.53 11.35
N ASP B 57 9.29 -10.50 12.09
CA ASP B 57 10.04 -11.61 12.67
C ASP B 57 10.21 -12.63 11.55
N GLN B 58 11.47 -12.92 11.17
CA GLN B 58 11.75 -13.86 10.10
C GLN B 58 11.13 -15.25 10.38
N LEU B 59 10.88 -15.56 11.66
CA LEU B 59 10.25 -16.81 12.15
C LEU B 59 8.80 -16.89 11.69
N LYS B 60 8.10 -15.74 11.71
CA LYS B 60 6.67 -15.69 11.40
C LYS B 60 6.32 -15.08 10.03
N ARG B 61 7.31 -14.50 9.35
CA ARG B 61 7.22 -13.84 8.06
C ARG B 61 6.28 -14.57 7.06
N ASN B 62 6.41 -15.90 6.96
CA ASN B 62 5.74 -16.70 5.95
C ASN B 62 4.44 -17.36 6.39
N LEU B 63 3.87 -16.96 7.54
CA LEU B 63 2.58 -17.51 7.97
C LEU B 63 1.47 -17.09 6.97
N SER B 64 0.61 -18.04 6.60
CA SER B 64 -0.49 -17.80 5.65
C SER B 64 -1.82 -17.66 6.39
N VAL B 65 -1.83 -18.03 7.69
CA VAL B 65 -3.03 -18.01 8.54
C VAL B 65 -2.69 -17.39 9.87
N ILE B 66 -3.47 -16.37 10.27
CA ILE B 66 -3.33 -15.78 11.60
C ILE B 66 -4.65 -15.96 12.31
N ASN B 67 -4.64 -16.65 13.47
CA ASN B 67 -5.83 -16.83 14.31
C ASN B 67 -5.80 -15.78 15.39
N LEU B 68 -6.76 -14.83 15.35
CA LEU B 68 -6.80 -13.79 16.36
C LEU B 68 -7.34 -14.33 17.70
N ASP B 69 -7.06 -13.60 18.77
CA ASP B 69 -7.56 -13.90 20.10
C ASP B 69 -9.07 -14.25 20.04
N PRO B 70 -9.53 -15.36 20.70
CA PRO B 70 -10.95 -15.75 20.61
C PRO B 70 -11.99 -14.71 21.03
N GLU B 71 -11.58 -13.76 21.86
CA GLU B 71 -12.41 -12.68 22.38
C GLU B 71 -12.67 -11.56 21.36
N ILE B 72 -11.83 -11.47 20.32
CA ILE B 72 -12.02 -10.45 19.28
C ILE B 72 -13.33 -10.71 18.52
N ASN B 73 -14.11 -9.64 18.36
CA ASN B 73 -15.38 -9.64 17.65
C ASN B 73 -15.09 -9.52 16.12
N PRO B 74 -15.59 -10.47 15.28
CA PRO B 74 -15.31 -10.36 13.83
C PRO B 74 -15.73 -9.05 13.15
N GLU B 75 -16.87 -8.47 13.59
CA GLU B 75 -17.40 -7.19 13.06
C GLU B 75 -16.47 -6.04 13.40
N GLY B 76 -15.96 -6.04 14.63
CA GLY B 76 -15.03 -5.03 15.10
C GLY B 76 -13.75 -5.13 14.28
N PHE B 77 -13.29 -6.38 14.02
CA PHE B 77 -12.08 -6.55 13.22
C PHE B 77 -12.30 -6.04 11.79
N ASN B 78 -13.44 -6.43 11.17
CA ASN B 78 -13.77 -6.03 9.80
C ASN B 78 -13.87 -4.51 9.61
N ILE B 79 -14.36 -3.77 10.63
CA ILE B 79 -14.45 -2.30 10.57
C ILE B 79 -13.01 -1.72 10.52
N LEU B 80 -12.12 -2.35 11.29
CA LEU B 80 -10.72 -1.94 11.38
C LEU B 80 -9.94 -2.31 10.13
N LEU B 81 -10.24 -3.49 9.54
CA LEU B 81 -9.65 -3.90 8.30
C LEU B 81 -10.10 -2.93 7.20
N ASP B 82 -11.41 -2.60 7.16
CA ASP B 82 -11.91 -1.59 6.19
C ASP B 82 -11.21 -0.26 6.40
N PHE B 83 -10.99 0.14 7.66
CA PHE B 83 -10.28 1.39 7.97
C PHE B 83 -8.87 1.34 7.38
N MET B 84 -8.16 0.21 7.59
CA MET B 84 -6.79 0.10 7.07
C MET B 84 -6.71 0.43 5.58
N TYR B 85 -7.68 -0.08 4.79
CA TYR B 85 -7.72 0.04 3.34
C TYR B 85 -8.45 1.26 2.80
N THR B 86 -9.11 2.09 3.66
CA THR B 86 -9.90 3.22 3.18
C THR B 86 -9.64 4.57 3.87
N SER B 87 -9.00 4.60 5.09
CA SER B 87 -8.81 5.84 5.88
C SER B 87 -10.13 6.33 6.51
N ARG B 88 -11.17 5.49 6.43
CA ARG B 88 -12.51 5.82 6.94
C ARG B 88 -12.89 4.85 8.05
N LEU B 89 -13.35 5.36 9.19
CA LEU B 89 -13.69 4.52 10.34
C LEU B 89 -15.20 4.55 10.60
N ASN B 90 -15.84 3.38 10.58
CA ASN B 90 -17.28 3.27 10.87
C ASN B 90 -17.46 3.20 12.41
N LEU B 91 -17.38 4.38 13.06
CA LEU B 91 -17.54 4.52 14.52
C LEU B 91 -18.89 5.12 14.86
N ARG B 92 -19.54 4.55 15.89
CA ARG B 92 -20.83 4.97 16.43
C ARG B 92 -20.97 4.45 17.87
N GLU B 93 -22.14 4.71 18.53
CA GLU B 93 -22.42 4.26 19.90
C GLU B 93 -22.52 2.73 20.00
N GLY B 94 -23.21 2.13 19.02
CA GLY B 94 -23.42 0.68 18.96
C GLY B 94 -22.18 -0.18 18.83
N ASN B 95 -21.04 0.39 18.35
CA ASN B 95 -19.83 -0.41 18.18
C ASN B 95 -18.56 0.17 18.85
N ILE B 96 -18.59 1.43 19.35
CA ILE B 96 -17.42 2.09 19.97
C ILE B 96 -16.63 1.15 20.92
N MET B 97 -17.33 0.33 21.74
CA MET B 97 -16.67 -0.56 22.69
C MET B 97 -15.89 -1.67 22.00
N ALA B 98 -16.53 -2.43 21.08
CA ALA B 98 -15.88 -3.50 20.36
C ALA B 98 -14.78 -2.95 19.42
N VAL B 99 -15.02 -1.77 18.77
CA VAL B 99 -14.02 -1.13 17.90
C VAL B 99 -12.77 -0.73 18.70
N MET B 100 -12.94 -0.06 19.85
CA MET B 100 -11.82 0.37 20.69
C MET B 100 -11.05 -0.84 21.23
N ALA B 101 -11.78 -1.89 21.66
CA ALA B 101 -11.20 -3.15 22.17
C ALA B 101 -10.29 -3.77 21.13
N THR B 102 -10.77 -3.86 19.87
CA THR B 102 -10.03 -4.44 18.74
C THR B 102 -8.81 -3.57 18.36
N ALA B 103 -8.98 -2.24 18.29
CA ALA B 103 -7.89 -1.31 17.98
C ALA B 103 -6.77 -1.36 19.02
N MET B 104 -7.12 -1.59 20.30
CA MET B 104 -6.13 -1.72 21.37
C MET B 104 -5.34 -3.01 21.14
N TYR B 105 -6.04 -4.12 20.83
CA TYR B 105 -5.42 -5.42 20.56
C TYR B 105 -4.53 -5.35 19.30
N LEU B 106 -5.03 -4.72 18.22
CA LEU B 106 -4.28 -4.59 16.98
C LEU B 106 -3.15 -3.55 17.04
N GLN B 107 -3.09 -2.78 18.14
CA GLN B 107 -2.10 -1.73 18.35
C GLN B 107 -2.15 -0.71 17.23
N MET B 108 -3.32 -0.05 17.10
CA MET B 108 -3.60 0.99 16.13
C MET B 108 -3.88 2.27 16.96
N GLU B 109 -2.81 2.91 17.45
CA GLU B 109 -2.85 4.06 18.36
C GLU B 109 -3.76 5.23 17.90
N HIS B 110 -3.81 5.55 16.60
CA HIS B 110 -4.64 6.67 16.11
C HIS B 110 -6.12 6.35 16.21
N VAL B 111 -6.48 5.08 15.99
CA VAL B 111 -7.87 4.67 16.13
C VAL B 111 -8.22 4.69 17.63
N VAL B 112 -7.32 4.20 18.51
CA VAL B 112 -7.51 4.19 19.98
C VAL B 112 -7.74 5.65 20.46
N ASP B 113 -6.89 6.60 20.01
CA ASP B 113 -6.99 8.02 20.36
C ASP B 113 -8.36 8.62 19.95
N THR B 114 -8.81 8.31 18.70
CA THR B 114 -10.09 8.73 18.14
C THR B 114 -11.26 8.10 18.89
N CYS B 115 -11.09 6.86 19.37
CA CYS B 115 -12.11 6.18 20.18
C CYS B 115 -12.24 6.91 21.52
N ARG B 116 -11.09 7.34 22.11
CA ARG B 116 -10.99 8.11 23.37
C ARG B 116 -11.54 9.53 23.20
N LYS B 117 -11.56 10.06 21.96
CA LYS B 117 -12.09 11.39 21.64
C LYS B 117 -13.58 11.30 21.34
N PHE B 118 -14.04 10.12 20.92
CA PHE B 118 -15.44 9.85 20.65
C PHE B 118 -16.20 9.75 21.98
N ILE B 119 -15.58 9.07 22.99
CA ILE B 119 -16.11 8.94 24.36
C ILE B 119 -16.19 10.33 25.04
N LYS B 120 -15.10 11.11 24.98
CA LYS B 120 -15.00 12.46 25.56
C LYS B 120 -16.07 13.45 25.04
N ALA B 121 -16.63 13.20 23.84
CA ALA B 121 -17.66 14.04 23.23
C ALA B 121 -18.98 13.26 22.93
N SER B 122 -19.28 12.23 23.76
CA SER B 122 -20.47 11.39 23.63
C SER B 122 -21.59 11.87 24.55
CL CL C . 0.76 8.46 -12.18
C1 C1W D . -2.54 2.57 -13.16
C2 C1W D . -3.11 2.25 -14.38
C3 C1W D . -3.98 1.21 -14.54
C7 C1W D . -5.42 -1.34 -9.52
C8 C1W D . -6.69 -1.73 -9.14
C9 C1W D . -7.59 -0.46 -10.79
C10 C1W D . -8.82 0.85 -12.56
C11 C1W D . -9.75 1.88 -12.61
C12 C1W D . -9.84 2.70 -13.72
C13 C1W D . -9.01 2.51 -14.83
C14 C1W D . -8.09 1.45 -14.78
C15 C1W D . -8.00 0.63 -13.67
C16 C1W D . -9.19 3.41 -16.01
F C1W D . -2.77 2.98 -15.48
C4 C1W D . -4.32 0.45 -13.43
C5 C1W D . -3.76 0.73 -12.18
C C1W D . -2.89 1.81 -12.06
N C1W D . -4.09 -0.07 -11.07
C6 C1W D . -5.31 -0.46 -10.61
N2 C1W D . -6.40 -0.03 -11.25
N1 C1W D . -7.80 -1.28 -9.75
CL1 C1W D . -4.03 -1.99 -8.69
N3 C1W D . -8.71 0.00 -11.44
CL C1W D . -7.04 1.11 -16.11
O1 C1W D . -8.08 3.75 -16.63
O C1W D . -10.30 3.79 -16.37
H1 C1W D . -1.83 3.39 -13.08
H2 C1W D . -4.40 0.96 -15.51
H5 C1W D . -6.86 -2.39 -8.30
H7 C1W D . -10.41 2.08 -11.76
H8 C1W D . -10.56 3.51 -13.74
H9 C1W D . -7.28 -0.19 -13.71
H3 C1W D . -5.01 -0.37 -13.57
H C1W D . -2.43 2.04 -11.10
H4 C1W D . -3.28 -0.41 -10.55
H6 C1W D . -9.59 -0.34 -11.08
H10 C1W D . -7.58 4.42 -16.11
CL CL E . -4.18 3.83 13.62
C1 C1W F . 1.74 0.48 13.37
C2 C1W F . 2.47 0.24 14.51
C3 C1W F . 3.77 -0.21 14.49
C7 C1W F . 6.00 -0.44 9.16
C8 C1W F . 7.28 -0.06 8.77
C9 C1W F . 7.51 1.16 10.67
C10 C1W F . 8.13 2.60 12.63
C11 C1W F . 8.46 3.94 12.77
C12 C1W F . 8.25 4.59 13.98
C13 C1W F . 7.70 3.92 15.07
C14 C1W F . 7.36 2.57 14.91
C15 C1W F . 7.58 1.91 13.71
C16 C1W F . 7.48 4.68 16.33
F C1W F . 1.87 0.40 15.72
C4 C1W F . 4.39 -0.36 13.26
C5 C1W F . 3.69 -0.13 12.09
C C1W F . 2.37 0.30 12.14
N C1W F . 4.29 -0.34 10.84
C6 C1W F . 5.53 0.02 10.39
N2 C1W F . 6.30 0.83 11.15
N1 C1W F . 8.05 0.74 9.51
CL1 C1W F . 5.09 -1.51 8.14
N3 C1W F . 8.34 1.96 11.40
CL C1W F . 6.66 1.67 16.21
O1 C1W F . 6.24 5.10 16.49
O C1W F . 8.36 4.88 17.15
H1 C1W F . 0.71 0.80 13.42
H2 C1W F . 4.32 -0.38 15.41
H5 C1W F . 7.71 -0.37 7.82
H7 C1W F . 8.90 4.50 11.94
H8 C1W F . 8.51 5.65 14.07
H9 C1W F . 7.30 0.86 13.65
H3 C1W F . 5.42 -0.69 13.25
H C1W F . 1.80 0.48 11.24
H4 C1W F . 3.72 -0.86 10.19
H6 C1W F . 9.23 2.18 10.98
H10 C1W F . 5.80 5.32 15.63
#